data_5H1D
#
_entry.id   5H1D
#
_cell.length_a   55.020
_cell.length_b   55.020
_cell.length_c   96.800
_cell.angle_alpha   90.000
_cell.angle_beta   90.000
_cell.angle_gamma   90.000
#
_symmetry.space_group_name_H-M   'P 43 21 2'
#
loop_
_entity.id
_entity.type
_entity.pdbx_description
1 polymer 'Rho GDP-dissociation inhibitor 2'
2 water water
#
_entity_poly.entity_id   1
_entity_poly.type   'polypeptide(L)'
_entity_poly.pdbx_seq_one_letter_code
;HMDPKAPNVVVTRLTLVCESAPGPITMDLTGDLEALKKETIVLKEGSEYRVKIHFKVNRDIVSGLKYVQHTYRTGVKVDK
ATFMVGSYGPRPEEYEFLTPVEEAPKGMLARGTYHNKSFFTDDDKQDHLSWEWNLSIKKEWTE
;
_entity_poly.pdbx_strand_id   A
#
# COMPACT_ATOMS: atom_id res chain seq x y z
N PRO A 7 -5.67 13.91 -14.12
CA PRO A 7 -4.28 14.20 -13.75
C PRO A 7 -3.31 13.29 -14.48
N ASN A 8 -2.05 13.74 -14.60
CA ASN A 8 -1.04 12.93 -15.28
C ASN A 8 -0.79 11.60 -14.56
N VAL A 9 -0.68 11.63 -13.23
CA VAL A 9 -0.47 10.43 -12.44
C VAL A 9 -1.75 10.09 -11.69
N VAL A 10 -2.23 8.86 -11.84
CA VAL A 10 -3.44 8.40 -11.17
C VAL A 10 -3.13 7.08 -10.45
N VAL A 11 -3.30 7.07 -9.14
CA VAL A 11 -3.09 5.86 -8.35
C VAL A 11 -4.39 5.07 -8.38
N THR A 12 -4.31 3.80 -8.78
CA THR A 12 -5.53 3.04 -9.05
C THR A 12 -5.82 1.95 -8.02
N ARG A 13 -4.82 1.40 -7.35
CA ARG A 13 -5.08 0.17 -6.59
C ARG A 13 -3.92 -0.11 -5.65
N LEU A 14 -4.24 -0.73 -4.51
CA LEU A 14 -3.26 -1.31 -3.63
C LEU A 14 -3.56 -2.80 -3.51
N THR A 15 -2.51 -3.62 -3.61
CA THR A 15 -2.64 -5.07 -3.48
C THR A 15 -1.56 -5.55 -2.54
N LEU A 16 -1.91 -6.50 -1.66
CA LEU A 16 -0.92 -7.24 -0.89
C LEU A 16 -0.62 -8.53 -1.63
N VAL A 17 0.62 -8.68 -2.08
CA VAL A 17 1.05 -9.85 -2.84
C VAL A 17 1.56 -10.88 -1.85
N CYS A 18 0.84 -11.99 -1.74
CA CYS A 18 1.19 -13.07 -0.82
C CYS A 18 0.69 -14.36 -1.44
N GLU A 19 1.61 -15.24 -1.83
CA GLU A 19 1.20 -16.47 -2.51
C GLU A 19 0.33 -17.34 -1.60
N SER A 20 0.64 -17.37 -0.30
CA SER A 20 -0.09 -18.27 0.58
C SER A 20 -1.50 -17.81 0.90
N ALA A 21 -1.91 -16.63 0.43
CA ALA A 21 -3.25 -16.15 0.71
C ALA A 21 -4.28 -16.97 -0.06
N PRO A 22 -5.45 -17.24 0.53
CA PRO A 22 -6.47 -18.03 -0.17
C PRO A 22 -7.21 -17.27 -1.24
N GLY A 23 -7.03 -15.95 -1.34
CA GLY A 23 -7.70 -15.16 -2.34
C GLY A 23 -7.03 -13.81 -2.47
N PRO A 24 -7.46 -13.01 -3.44
CA PRO A 24 -6.85 -11.69 -3.63
C PRO A 24 -7.05 -10.80 -2.42
N ILE A 25 -6.06 -9.94 -2.18
CA ILE A 25 -6.10 -8.96 -1.10
C ILE A 25 -5.85 -7.62 -1.77
N THR A 26 -6.92 -6.86 -1.99
CA THR A 26 -6.78 -5.67 -2.84
C THR A 26 -7.85 -4.65 -2.50
N MET A 27 -7.54 -3.39 -2.81
CA MET A 27 -8.46 -2.27 -2.63
C MET A 27 -8.39 -1.35 -3.85
N ASP A 28 -9.55 -0.91 -4.30
CA ASP A 28 -9.69 -0.04 -5.46
C ASP A 28 -9.56 1.39 -4.97
N LEU A 29 -8.47 2.06 -5.36
CA LEU A 29 -8.21 3.42 -4.90
C LEU A 29 -8.84 4.47 -5.80
N THR A 30 -9.58 4.06 -6.83
CA THR A 30 -10.35 5.02 -7.61
C THR A 30 -11.74 5.25 -7.04
N GLY A 31 -12.11 4.49 -6.01
CA GLY A 31 -13.40 4.60 -5.37
C GLY A 31 -13.39 5.51 -4.16
N ASP A 32 -14.45 5.41 -3.36
CA ASP A 32 -14.63 6.20 -2.16
C ASP A 32 -13.51 5.92 -1.17
N LEU A 33 -12.65 6.91 -0.94
CA LEU A 33 -11.53 6.70 -0.02
C LEU A 33 -12.00 6.62 1.43
N GLU A 34 -13.09 7.30 1.77
CA GLU A 34 -13.62 7.21 3.13
C GLU A 34 -14.06 5.79 3.46
N ALA A 35 -14.53 5.04 2.46
CA ALA A 35 -14.98 3.68 2.68
C ALA A 35 -13.84 2.68 2.83
N LEU A 36 -12.65 3.02 2.33
CA LEU A 36 -11.52 2.09 2.43
C LEU A 36 -11.18 1.79 3.88
N LYS A 37 -11.40 2.74 4.78
CA LYS A 37 -11.05 2.54 6.18
C LYS A 37 -11.83 1.39 6.81
N LYS A 38 -13.06 1.15 6.33
CA LYS A 38 -13.88 0.06 6.86
C LYS A 38 -13.52 -1.29 6.24
N GLU A 39 -12.77 -1.31 5.15
CA GLU A 39 -12.52 -2.55 4.43
C GLU A 39 -11.58 -3.45 5.23
N THR A 40 -11.89 -4.75 5.24
CA THR A 40 -11.15 -5.74 5.99
C THR A 40 -10.03 -6.29 5.12
N ILE A 41 -8.79 -6.01 5.50
CA ILE A 41 -7.60 -6.51 4.82
C ILE A 41 -6.88 -7.40 5.82
N VAL A 42 -6.82 -8.70 5.54
CA VAL A 42 -6.32 -9.68 6.50
C VAL A 42 -5.07 -10.37 5.96
N LEU A 43 -4.07 -10.52 6.82
CA LEU A 43 -2.95 -11.41 6.58
C LEU A 43 -2.85 -12.38 7.74
N LYS A 44 -2.57 -13.65 7.42
CA LYS A 44 -2.19 -14.59 8.45
C LYS A 44 -0.85 -14.16 9.05
N GLU A 45 -0.75 -14.22 10.37
CA GLU A 45 0.50 -13.82 11.03
C GLU A 45 1.69 -14.56 10.45
N GLY A 46 2.81 -13.85 10.34
CA GLY A 46 4.03 -14.41 9.80
C GLY A 46 4.09 -14.50 8.29
N SER A 47 3.02 -14.14 7.57
CA SER A 47 3.02 -14.25 6.12
C SER A 47 4.09 -13.35 5.51
N GLU A 48 4.76 -13.89 4.49
CA GLU A 48 5.65 -13.08 3.65
C GLU A 48 4.80 -12.35 2.61
N TYR A 49 4.97 -11.04 2.51
CA TYR A 49 4.16 -10.30 1.56
C TYR A 49 4.89 -9.07 1.06
N ARG A 50 4.36 -8.50 -0.02
CA ARG A 50 4.79 -7.23 -0.56
C ARG A 50 3.58 -6.32 -0.77
N VAL A 51 3.80 -5.02 -0.61
CA VAL A 51 2.77 -4.03 -0.94
C VAL A 51 2.96 -3.65 -2.40
N LYS A 52 1.89 -3.77 -3.20
CA LYS A 52 1.92 -3.44 -4.61
C LYS A 52 1.01 -2.24 -4.86
N ILE A 53 1.57 -1.18 -5.42
CA ILE A 53 0.83 0.02 -5.79
C ILE A 53 0.69 0.04 -7.31
N HIS A 54 -0.54 0.12 -7.78
CA HIS A 54 -0.82 0.24 -9.21
C HIS A 54 -1.09 1.70 -9.52
N PHE A 55 -0.54 2.18 -10.63
CA PHE A 55 -0.74 3.58 -10.98
C PHE A 55 -0.61 3.75 -12.49
N LYS A 56 -1.23 4.82 -12.98
CA LYS A 56 -1.15 5.18 -14.39
C LYS A 56 -0.38 6.47 -14.56
N VAL A 57 0.37 6.55 -15.65
CA VAL A 57 0.97 7.79 -16.12
C VAL A 57 0.33 8.08 -17.47
N ASN A 58 -0.36 9.20 -17.58
CA ASN A 58 -1.27 9.41 -18.70
C ASN A 58 -0.67 10.18 -19.87
N ARG A 59 0.17 11.18 -19.61
CA ARG A 59 0.53 12.11 -20.68
C ARG A 59 2.01 12.43 -20.76
N ASP A 60 2.72 12.53 -19.64
CA ASP A 60 4.08 13.05 -19.63
C ASP A 60 4.96 12.16 -18.77
N ILE A 61 6.22 12.02 -19.18
CA ILE A 61 7.20 11.30 -18.35
C ILE A 61 7.31 11.98 -16.99
N VAL A 62 7.34 11.17 -15.93
CA VAL A 62 7.50 11.67 -14.58
C VAL A 62 8.77 11.09 -13.98
N SER A 63 9.33 11.81 -13.00
CA SER A 63 10.52 11.36 -12.31
C SER A 63 10.30 11.44 -10.81
N GLY A 64 11.13 10.71 -10.08
CA GLY A 64 11.18 10.83 -8.64
C GLY A 64 9.94 10.43 -7.90
N LEU A 65 9.13 9.52 -8.45
CA LEU A 65 7.98 9.03 -7.70
C LEU A 65 8.45 8.32 -6.43
N LYS A 66 7.62 8.41 -5.39
CA LYS A 66 7.92 7.86 -4.07
C LYS A 66 6.65 7.33 -3.44
N TYR A 67 6.79 6.22 -2.71
CA TYR A 67 5.69 5.68 -1.91
C TYR A 67 6.09 5.77 -0.45
N VAL A 68 5.23 6.37 0.37
CA VAL A 68 5.47 6.54 1.80
C VAL A 68 4.33 5.85 2.55
N GLN A 69 4.68 5.08 3.58
CA GLN A 69 3.66 4.41 4.38
C GLN A 69 3.96 4.65 5.86
N HIS A 70 2.97 5.16 6.59
CA HIS A 70 3.06 5.29 8.04
C HIS A 70 2.15 4.26 8.68
N THR A 71 2.70 3.47 9.60
CA THR A 71 1.95 2.39 10.22
C THR A 71 1.83 2.67 11.71
N TYR A 72 0.58 2.77 12.18
CA TYR A 72 0.28 3.03 13.59
C TYR A 72 -0.17 1.75 14.27
N ARG A 73 0.43 1.46 15.43
CA ARG A 73 0.09 0.30 16.22
C ARG A 73 0.06 0.75 17.67
N THR A 74 -0.98 0.35 18.40
CA THR A 74 -1.12 0.82 19.78
C THR A 74 0.12 0.48 20.61
N GLY A 75 0.62 1.48 21.34
CA GLY A 75 1.78 1.29 22.20
C GLY A 75 3.13 1.37 21.53
N VAL A 76 3.19 1.52 20.21
CA VAL A 76 4.44 1.56 19.47
C VAL A 76 4.54 2.91 18.77
N LYS A 77 5.75 3.44 18.64
CA LYS A 77 5.92 4.66 17.87
C LYS A 77 5.59 4.38 16.40
N VAL A 78 5.06 5.40 15.72
CA VAL A 78 4.67 5.23 14.33
C VAL A 78 5.87 4.76 13.51
N ASP A 79 5.63 3.79 12.63
CA ASP A 79 6.66 3.26 11.74
C ASP A 79 6.52 3.96 10.40
N LYS A 80 7.57 4.63 9.97
CA LYS A 80 7.56 5.42 8.74
C LYS A 80 8.53 4.81 7.74
N ALA A 81 8.02 4.46 6.56
CA ALA A 81 8.83 3.85 5.53
C ALA A 81 8.64 4.60 4.21
N THR A 82 9.75 4.88 3.54
CA THR A 82 9.75 5.55 2.24
C THR A 82 10.42 4.65 1.23
N PHE A 83 9.82 4.55 0.05
CA PHE A 83 10.33 3.69 -1.02
C PHE A 83 10.46 4.52 -2.29
N MET A 84 11.62 4.43 -2.94
CA MET A 84 11.83 5.15 -4.19
C MET A 84 11.17 4.37 -5.33
N VAL A 85 10.27 5.01 -6.06
CA VAL A 85 9.56 4.38 -7.17
C VAL A 85 10.20 4.76 -8.50
N GLY A 86 10.52 6.03 -8.70
CA GLY A 86 11.36 6.42 -9.82
C GLY A 86 10.64 7.06 -11.00
N SER A 87 11.12 6.76 -12.21
CA SER A 87 10.70 7.45 -13.43
C SER A 87 9.88 6.53 -14.32
N TYR A 88 8.79 7.07 -14.88
CA TYR A 88 7.87 6.30 -15.71
C TYR A 88 7.34 7.17 -16.83
N GLY A 89 7.18 6.57 -18.02
CA GLY A 89 6.60 7.27 -19.14
C GLY A 89 5.12 6.98 -19.32
N PRO A 90 4.45 7.77 -20.15
CA PRO A 90 3.00 7.60 -20.30
C PRO A 90 2.67 6.37 -21.14
N ARG A 91 1.60 5.68 -20.76
CA ARG A 91 1.08 4.57 -21.55
C ARG A 91 -0.33 4.23 -21.03
N PRO A 92 -1.12 3.49 -21.82
CA PRO A 92 -2.47 3.15 -21.36
C PRO A 92 -2.51 2.20 -20.19
N GLU A 93 -1.58 1.24 -20.12
CA GLU A 93 -1.66 0.20 -19.10
C GLU A 93 -1.05 0.67 -17.79
N GLU A 94 -1.69 0.31 -16.68
CA GLU A 94 -1.15 0.70 -15.39
C GLU A 94 0.22 0.06 -15.15
N TYR A 95 1.03 0.73 -14.35
CA TYR A 95 2.28 0.18 -13.84
C TYR A 95 2.05 -0.39 -12.45
N GLU A 96 2.96 -1.25 -12.03
CA GLU A 96 2.92 -1.82 -10.70
C GLU A 96 4.27 -1.63 -10.02
N PHE A 97 4.25 -1.06 -8.82
CA PHE A 97 5.44 -0.93 -8.00
C PHE A 97 5.26 -1.84 -6.79
N LEU A 98 6.28 -2.63 -6.47
CA LEU A 98 6.23 -3.51 -5.31
C LEU A 98 7.32 -3.14 -4.32
N THR A 99 6.96 -3.05 -3.03
CA THR A 99 7.95 -2.90 -1.99
C THR A 99 8.72 -4.20 -1.83
N PRO A 100 9.87 -4.18 -1.14
CA PRO A 100 10.54 -5.43 -0.81
C PRO A 100 9.67 -6.30 0.09
N VAL A 101 9.98 -7.60 0.10
CA VAL A 101 9.23 -8.54 0.92
C VAL A 101 9.43 -8.22 2.39
N GLU A 102 8.35 -8.34 3.15
CA GLU A 102 8.43 -8.24 4.60
C GLU A 102 7.61 -9.37 5.21
N GLU A 103 7.90 -9.65 6.47
CA GLU A 103 7.20 -10.66 7.23
C GLU A 103 6.14 -9.99 8.09
N ALA A 104 4.89 -10.44 7.96
CA ALA A 104 3.85 -9.93 8.82
C ALA A 104 4.17 -10.24 10.29
N PRO A 105 3.71 -9.41 11.22
CA PRO A 105 3.93 -9.68 12.65
C PRO A 105 3.34 -11.03 13.06
N LYS A 106 3.87 -11.57 14.16
CA LYS A 106 3.44 -12.89 14.61
C LYS A 106 3.52 -12.96 16.13
N GLY A 107 2.59 -13.69 16.72
CA GLY A 107 2.49 -13.82 18.16
C GLY A 107 1.20 -13.21 18.69
N MET A 108 0.80 -13.68 19.88
CA MET A 108 -0.48 -13.23 20.42
C MET A 108 -0.54 -11.72 20.57
N LEU A 109 0.55 -11.10 21.02
CA LEU A 109 0.55 -9.65 21.24
C LEU A 109 0.76 -8.85 19.97
N ALA A 110 0.96 -9.50 18.83
CA ALA A 110 1.15 -8.82 17.56
C ALA A 110 -0.06 -8.90 16.64
N ARG A 111 -1.11 -9.60 17.03
CA ARG A 111 -2.30 -9.75 16.20
C ARG A 111 -3.18 -8.52 16.30
N GLY A 112 -4.18 -8.47 15.43
CA GLY A 112 -5.07 -7.33 15.43
C GLY A 112 -4.66 -6.23 14.47
N THR A 113 -5.00 -5.00 14.84
CA THR A 113 -5.11 -3.91 13.89
C THR A 113 -3.81 -3.15 13.76
N TYR A 114 -3.44 -2.87 12.52
CA TYR A 114 -2.38 -1.92 12.17
C TYR A 114 -3.03 -0.88 11.27
N HIS A 115 -2.96 0.39 11.68
CA HIS A 115 -3.60 1.47 10.94
C HIS A 115 -2.58 2.16 10.04
N ASN A 116 -2.82 2.14 8.74
CA ASN A 116 -1.87 2.65 7.75
C ASN A 116 -2.35 3.93 7.11
N LYS A 117 -1.44 4.87 6.92
CA LYS A 117 -1.67 6.02 6.06
C LYS A 117 -0.61 5.97 4.97
N SER A 118 -1.06 5.97 3.71
CA SER A 118 -0.20 5.82 2.55
C SER A 118 -0.22 7.09 1.71
N PHE A 119 0.93 7.40 1.12
CA PHE A 119 1.10 8.55 0.27
C PHE A 119 1.85 8.13 -0.99
N PHE A 120 1.30 8.46 -2.14
CA PHE A 120 2.04 8.32 -3.40
C PHE A 120 2.40 9.75 -3.81
N THR A 121 3.69 10.03 -3.92
CA THR A 121 4.14 11.41 -4.07
C THR A 121 5.39 11.40 -4.94
N ASP A 122 6.18 12.47 -4.86
CA ASP A 122 7.39 12.56 -5.65
C ASP A 122 8.33 13.60 -5.03
N ASP A 123 9.48 13.81 -5.69
CA ASP A 123 10.45 14.80 -5.20
C ASP A 123 9.86 16.20 -5.15
N ASP A 124 8.87 16.49 -5.98
CA ASP A 124 8.20 17.79 -5.99
C ASP A 124 7.08 17.88 -4.96
N LYS A 125 6.88 16.83 -4.16
CA LYS A 125 5.92 16.80 -3.06
C LYS A 125 4.46 16.82 -3.52
N GLN A 126 4.19 16.40 -4.75
CA GLN A 126 2.81 16.39 -5.23
C GLN A 126 2.03 15.29 -4.54
N ASP A 127 0.77 15.60 -4.19
CA ASP A 127 -0.10 14.63 -3.52
C ASP A 127 -0.85 13.84 -4.60
N HIS A 128 -0.16 12.82 -5.13
CA HIS A 128 -0.81 11.99 -6.15
C HIS A 128 -1.99 11.23 -5.57
N LEU A 129 -1.82 10.65 -4.39
CA LEU A 129 -2.93 10.15 -3.60
C LEU A 129 -2.46 9.96 -2.16
N SER A 130 -3.36 10.29 -1.23
CA SER A 130 -3.19 9.97 0.19
C SER A 130 -4.39 9.15 0.61
N TRP A 131 -4.15 8.03 1.31
CA TRP A 131 -5.28 7.20 1.71
C TRP A 131 -4.96 6.42 2.97
N GLU A 132 -6.01 6.06 3.70
CA GLU A 132 -5.91 5.26 4.91
C GLU A 132 -6.46 3.87 4.65
N TRP A 133 -5.88 2.89 5.33
CA TRP A 133 -6.35 1.52 5.28
C TRP A 133 -5.85 0.78 6.51
N ASN A 134 -6.55 -0.29 6.86
CA ASN A 134 -6.24 -1.03 8.06
C ASN A 134 -5.87 -2.46 7.72
N LEU A 135 -4.77 -2.93 8.30
CA LEU A 135 -4.29 -4.29 8.15
C LEU A 135 -4.62 -5.05 9.43
N SER A 136 -5.26 -6.21 9.27
CA SER A 136 -5.64 -7.05 10.39
C SER A 136 -4.79 -8.32 10.34
N ILE A 137 -4.03 -8.57 11.41
CA ILE A 137 -3.16 -9.75 11.49
C ILE A 137 -3.88 -10.79 12.33
N LYS A 138 -4.05 -11.99 11.76
CA LYS A 138 -4.84 -13.03 12.40
C LYS A 138 -4.06 -14.34 12.47
N LYS A 139 -4.46 -15.20 13.40
CA LYS A 139 -3.80 -16.49 13.55
C LYS A 139 -3.99 -17.36 12.32
N GLU A 140 -5.16 -17.30 11.70
CA GLU A 140 -5.45 -18.03 10.47
C GLU A 140 -6.04 -17.07 9.46
N TRP A 141 -6.13 -17.52 8.21
CA TRP A 141 -6.67 -16.69 7.14
C TRP A 141 -8.15 -16.38 7.35
#